data_6E66
#
_entry.id   6E66
#
_cell.length_a   85.587
_cell.length_b   101.458
_cell.length_c   38.636
_cell.angle_alpha   90.00
_cell.angle_beta   90.00
_cell.angle_gamma   90.00
#
_symmetry.space_group_name_H-M   'P 21 21 2'
#
loop_
_entity.id
_entity.type
_entity.pdbx_description
1 polymer NleB
2 non-polymer 1,2-ETHANEDIOL
3 water water
#
_entity_poly.entity_id   1
_entity_poly.type   'polypeptide(L)'
_entity_poly.pdbx_seq_one_letter_code
;(MSE)LSSLNVLQSSFRGKTALSNSTLLQRPSFAGKEYSLEPIDERTPILFQWFEARPERYEKGEVPILNTKEHPYLSNI
INAAKIENERIIGVLVDGNFTYEQKKEFLNLENEHQNIAIIYRADVDFS(MSE)YDKKLSDIYLENIHKQESYPASERDN
YLLGLLREELKNIPEGKDSLIESYAEKREHTWFDFFRNLAILKAGSLFTETGKTGCHNISP(CAS)SGCIYLDAD(MSE)
IITDKLGVLYAPDGIAVHVD(CAS)NDEIKSL(CAS)NGAIVVNRSNHPALLAGLDI(MSE)KSKVDAHPYYDGLGKGIK
RHFNYSSLHNYNAF(CAS)DFIEEGNPGIIIPNTS(MSE)YTSSSW
;
_entity_poly.pdbx_strand_id   A
#
loop_
_chem_comp.id
_chem_comp.type
_chem_comp.name
_chem_comp.formula
EDO non-polymer 1,2-ETHANEDIOL 'C2 H6 O2'
#
# COMPACT_ATOMS: atom_id res chain seq x y z
N ARG A 26 -26.58 10.77 2.60
CA ARG A 26 -25.56 9.76 2.32
C ARG A 26 -24.54 10.25 1.27
N PRO A 27 -23.29 9.79 1.38
CA PRO A 27 -22.25 10.23 0.45
C PRO A 27 -22.58 9.88 -0.98
N SER A 28 -22.21 10.77 -1.90
CA SER A 28 -22.47 10.58 -3.31
C SER A 28 -21.32 11.16 -4.11
N PHE A 29 -21.06 10.56 -5.27
CA PHE A 29 -20.11 11.11 -6.21
C PHE A 29 -20.43 10.52 -7.57
N ALA A 30 -20.21 11.33 -8.62
CA ALA A 30 -20.47 10.95 -10.00
C ALA A 30 -21.92 10.53 -10.20
N GLY A 31 -22.81 11.06 -9.37
CA GLY A 31 -24.22 10.73 -9.40
C GLY A 31 -24.61 9.54 -8.55
N LYS A 32 -23.67 8.69 -8.18
CA LYS A 32 -23.95 7.44 -7.49
C LYS A 32 -23.81 7.62 -5.98
N GLU A 33 -24.67 6.95 -5.22
CA GLU A 33 -24.72 7.10 -3.77
C GLU A 33 -24.03 5.92 -3.09
N TYR A 34 -23.43 6.18 -1.93
CA TYR A 34 -22.71 5.15 -1.19
C TYR A 34 -23.01 5.27 0.29
N SER A 35 -22.91 4.15 0.99
CA SER A 35 -23.10 4.18 2.43
C SER A 35 -21.82 4.61 3.12
N LEU A 36 -21.98 5.35 4.21
CA LEU A 36 -20.87 5.71 5.08
C LEU A 36 -20.58 4.51 5.98
N GLU A 37 -19.57 3.72 5.64
CA GLU A 37 -19.29 2.50 6.37
C GLU A 37 -18.40 2.78 7.57
N PRO A 38 -18.64 2.12 8.71
CA PRO A 38 -17.80 2.36 9.88
C PRO A 38 -16.57 1.46 9.92
N ILE A 39 -15.51 1.99 10.53
CA ILE A 39 -14.29 1.24 10.75
C ILE A 39 -14.11 1.11 12.26
N ASP A 40 -14.21 -0.12 12.75
CA ASP A 40 -14.25 -0.45 14.19
C ASP A 40 -13.05 0.09 14.94
N GLU A 41 -13.22 0.22 16.26
CA GLU A 41 -12.07 0.45 17.11
C GLU A 41 -11.19 -0.79 17.24
N ARG A 42 -11.65 -1.95 16.77
CA ARG A 42 -10.80 -3.13 16.69
C ARG A 42 -9.86 -3.10 15.48
N THR A 43 -9.97 -2.09 14.63
CA THR A 43 -9.24 -2.13 13.37
C THR A 43 -7.76 -1.86 13.60
N PRO A 44 -6.86 -2.71 13.10
CA PRO A 44 -5.43 -2.49 13.31
C PRO A 44 -4.94 -1.27 12.54
N ILE A 45 -3.81 -0.75 13.01
CA ILE A 45 -3.12 0.37 12.39
C ILE A 45 -1.80 -0.15 11.79
N LEU A 46 -1.48 0.31 10.59
CA LEU A 46 -0.36 -0.24 9.85
C LEU A 46 0.55 0.90 9.44
N PHE A 47 1.83 0.78 9.77
CA PHE A 47 2.90 1.62 9.27
C PHE A 47 3.76 0.81 8.32
N GLN A 48 4.65 1.48 7.61
CA GLN A 48 5.56 0.79 6.70
C GLN A 48 6.93 1.46 6.72
N TRP A 49 7.97 0.64 6.76
CA TRP A 49 9.34 1.13 6.64
C TRP A 49 10.15 0.20 5.76
N PHE A 50 10.50 0.63 4.55
CA PHE A 50 11.28 -0.17 3.62
C PHE A 50 12.65 0.48 3.49
N GLU A 51 13.69 -0.23 3.89
CA GLU A 51 14.99 0.37 4.17
C GLU A 51 16.01 -0.11 3.14
N ALA A 52 16.49 0.80 2.29
CA ALA A 52 17.40 0.41 1.21
C ALA A 52 18.84 0.34 1.67
N ARG A 53 19.22 1.03 2.74
CA ARG A 53 20.57 0.94 3.31
C ARG A 53 20.49 0.81 4.82
N PRO A 54 20.08 -0.36 5.32
CA PRO A 54 20.06 -0.58 6.77
C PRO A 54 21.44 -0.51 7.40
N GLU A 55 22.50 -0.69 6.61
CA GLU A 55 23.83 -0.65 7.19
C GLU A 55 24.28 0.76 7.54
N ARG A 56 23.46 1.78 7.29
CA ARG A 56 23.79 3.12 7.76
C ARG A 56 23.43 3.33 9.22
N TYR A 57 22.69 2.43 9.85
CA TYR A 57 22.29 2.64 11.22
C TYR A 57 23.39 2.16 12.16
N GLU A 58 23.67 2.96 13.19
CA GLU A 58 24.67 2.55 14.16
C GLU A 58 24.22 1.25 14.83
N LYS A 59 25.19 0.46 15.29
CA LYS A 59 24.89 -0.82 15.92
C LYS A 59 24.02 -0.62 17.16
N GLY A 60 23.06 -1.54 17.35
CA GLY A 60 22.15 -1.48 18.49
C GLY A 60 20.86 -0.70 18.27
N GLU A 61 20.70 -0.02 17.14
CA GLU A 61 19.48 0.75 16.86
C GLU A 61 18.55 -0.02 15.94
N VAL A 62 17.26 -0.01 16.28
CA VAL A 62 16.18 -0.42 15.37
C VAL A 62 16.34 0.36 14.08
N PRO A 63 16.49 -0.32 12.92
CA PRO A 63 16.79 0.41 11.67
C PRO A 63 15.54 1.02 11.05
N ILE A 64 14.89 1.88 11.83
CA ILE A 64 13.84 2.78 11.36
C ILE A 64 14.30 4.20 11.66
N LEU A 65 14.23 5.09 10.67
CA LEU A 65 14.67 6.47 10.86
C LEU A 65 13.97 7.11 12.05
N ASN A 66 14.77 7.72 12.94
CA ASN A 66 14.24 8.36 14.15
C ASN A 66 15.05 9.61 14.51
N THR A 67 15.10 10.58 13.61
CA THR A 67 15.84 11.81 13.85
C THR A 67 14.90 12.92 14.33
N GLU A 69 13.61 15.73 13.86
CA GLU A 69 13.72 15.98 12.43
C GLU A 69 12.80 15.07 11.60
N HIS A 70 12.77 13.78 11.98
CA HIS A 70 11.87 12.75 11.45
C HIS A 70 11.72 11.63 12.46
N PRO A 71 10.90 11.81 13.49
CA PRO A 71 10.80 10.85 14.59
C PRO A 71 9.90 9.64 14.29
N TYR A 72 10.13 9.00 13.14
CA TYR A 72 9.24 7.94 12.68
C TYR A 72 9.12 6.80 13.69
N LEU A 73 10.26 6.32 14.19
CA LEU A 73 10.19 5.25 15.19
C LEU A 73 9.44 5.71 16.44
N SER A 74 9.58 6.98 16.80
CA SER A 74 8.87 7.52 17.96
C SER A 74 7.36 7.62 17.69
N ASN A 75 6.99 8.12 16.50
CA ASN A 75 5.59 8.18 16.13
C ASN A 75 4.93 6.81 16.21
N ILE A 76 5.59 5.80 15.63
CA ILE A 76 5.05 4.44 15.68
C ILE A 76 4.88 3.98 17.13
N ILE A 77 5.93 4.15 17.94
CA ILE A 77 5.86 3.73 19.33
C ILE A 77 4.76 4.51 20.06
N ASN A 78 4.69 5.81 19.81
CA ASN A 78 3.65 6.64 20.42
C ASN A 78 2.26 6.17 20.03
N ALA A 79 2.06 5.84 18.74
CA ALA A 79 0.76 5.32 18.30
C ALA A 79 0.40 4.04 19.04
N ALA A 80 1.35 3.13 19.21
CA ALA A 80 1.04 1.92 19.96
C ALA A 80 0.76 2.22 21.43
N LYS A 81 1.43 3.24 21.98
CA LYS A 81 1.13 3.71 23.33
C LYS A 81 -0.32 4.19 23.42
N ILE A 82 -0.70 5.13 22.54
CA ILE A 82 -2.03 5.73 22.62
C ILE A 82 -3.12 4.70 22.36
N GLU A 83 -3.03 3.99 21.22
CA GLU A 83 -4.05 3.02 20.85
C GLU A 83 -3.77 1.66 21.49
N ASN A 84 -3.85 1.67 22.83
CA ASN A 84 -3.47 0.49 23.61
C ASN A 84 -4.38 -0.71 23.33
N GLU A 85 -5.56 -0.48 22.77
CA GLU A 85 -6.53 -1.52 22.46
C GLU A 85 -6.40 -2.07 21.05
N ARG A 86 -5.47 -1.56 20.25
CA ARG A 86 -5.26 -1.99 18.88
C ARG A 86 -3.91 -2.65 18.74
N ILE A 87 -3.71 -3.34 17.62
CA ILE A 87 -2.41 -3.83 17.18
C ILE A 87 -1.86 -2.80 16.20
N ILE A 88 -0.60 -2.42 16.39
CA ILE A 88 0.10 -1.52 15.49
C ILE A 88 1.14 -2.35 14.77
N GLY A 89 0.91 -2.58 13.47
CA GLY A 89 1.86 -3.32 12.68
C GLY A 89 2.79 -2.37 11.97
N VAL A 90 4.00 -2.85 11.68
CA VAL A 90 4.94 -2.14 10.82
C VAL A 90 5.40 -3.18 9.81
N LEU A 91 5.03 -2.97 8.54
CA LEU A 91 5.54 -3.82 7.47
C LEU A 91 6.92 -3.34 7.06
N VAL A 92 7.93 -4.19 7.23
CA VAL A 92 9.31 -3.77 7.00
C VAL A 92 9.88 -4.59 5.86
N ASP A 93 10.95 -4.06 5.26
CA ASP A 93 11.70 -4.76 4.24
C ASP A 93 13.05 -4.10 4.09
N GLY A 94 14.01 -4.88 3.58
CA GLY A 94 15.41 -4.49 3.49
C GLY A 94 16.31 -5.59 4.02
N ASN A 95 17.60 -5.46 3.70
CA ASN A 95 18.57 -6.51 4.05
C ASN A 95 19.08 -6.32 5.49
N PHE A 96 18.16 -6.52 6.45
CA PHE A 96 18.50 -6.35 7.87
C PHE A 96 19.37 -7.49 8.37
N THR A 97 20.37 -7.15 9.18
CA THR A 97 21.28 -8.11 9.79
C THR A 97 20.63 -8.83 10.96
N TYR A 98 21.28 -9.92 11.41
CA TYR A 98 20.81 -10.63 12.59
C TYR A 98 20.63 -9.69 13.77
N GLU A 99 21.59 -8.77 13.99
CA GLU A 99 21.50 -7.84 15.11
C GLU A 99 20.30 -6.91 14.96
N GLN A 100 20.04 -6.43 13.74
CA GLN A 100 18.89 -5.56 13.54
C GLN A 100 17.57 -6.32 13.75
N LYS A 101 17.46 -7.54 13.21
CA LYS A 101 16.28 -8.36 13.47
C LYS A 101 16.08 -8.60 14.96
N LYS A 102 17.18 -8.74 15.73
CA LYS A 102 17.02 -8.88 17.18
C LYS A 102 16.65 -7.55 17.83
N GLU A 103 17.09 -6.43 17.27
CA GLU A 103 16.57 -5.15 17.75
C GLU A 103 15.06 -5.05 17.52
N PHE A 104 14.56 -5.58 16.40
CA PHE A 104 13.11 -5.56 16.17
C PHE A 104 12.38 -6.41 17.22
N LEU A 105 12.88 -7.62 17.48
CA LEU A 105 12.22 -8.48 18.46
C LEU A 105 12.24 -7.86 19.84
N ASN A 106 13.27 -7.08 20.14
CA ASN A 106 13.34 -6.37 21.41
C ASN A 106 12.25 -5.31 21.48
N LEU A 107 11.99 -4.64 20.36
CA LEU A 107 10.91 -3.65 20.29
C LEU A 107 9.55 -4.32 20.48
N GLU A 108 9.37 -5.47 19.84
CA GLU A 108 8.14 -6.23 20.03
C GLU A 108 7.97 -6.65 21.49
N ASN A 109 9.07 -6.94 22.17
CA ASN A 109 8.97 -7.43 23.54
C ASN A 109 8.71 -6.29 24.53
N GLU A 110 9.31 -5.13 24.32
CA GLU A 110 8.91 -3.96 25.07
C GLU A 110 7.42 -3.69 24.86
N HIS A 111 7.07 -2.97 23.80
CA HIS A 111 5.69 -2.60 23.52
C HIS A 111 4.96 -3.78 22.91
N GLN A 112 4.14 -4.47 23.70
CA GLN A 112 3.61 -5.78 23.33
C GLN A 112 2.40 -5.71 22.38
N ASN A 113 2.05 -4.55 21.84
CA ASN A 113 1.05 -4.52 20.77
C ASN A 113 1.63 -4.03 19.46
N ILE A 114 2.95 -3.97 19.33
CA ILE A 114 3.62 -3.66 18.08
C ILE A 114 4.02 -4.96 17.42
N ALA A 115 3.56 -5.16 16.18
CA ALA A 115 3.92 -6.33 15.42
C ALA A 115 4.83 -5.89 14.28
N ILE A 116 6.02 -6.47 14.20
CA ILE A 116 6.93 -6.23 13.10
C ILE A 116 6.73 -7.33 12.09
N ILE A 117 6.28 -6.96 10.89
CA ILE A 117 5.95 -7.93 9.84
C ILE A 117 6.94 -7.74 8.69
N TYR A 118 7.70 -8.79 8.40
CA TYR A 118 8.65 -8.72 7.29
C TYR A 118 7.94 -9.00 5.97
N ARG A 119 8.19 -8.16 4.97
CA ARG A 119 7.54 -8.35 3.68
C ARG A 119 7.77 -9.74 3.12
N ALA A 120 8.99 -10.27 3.29
CA ALA A 120 9.31 -11.58 2.71
C ALA A 120 8.61 -12.73 3.40
N ASP A 121 8.02 -12.53 4.59
CA ASP A 121 7.24 -13.56 5.24
C ASP A 121 5.75 -13.49 4.92
N VAL A 122 5.32 -12.60 4.05
CA VAL A 122 3.89 -12.39 3.78
C VAL A 122 3.52 -13.13 2.50
N ASP A 123 2.35 -13.76 2.50
CA ASP A 123 1.85 -14.40 1.29
C ASP A 123 1.13 -13.36 0.44
N PHE A 124 1.76 -12.92 -0.67
CA PHE A 124 1.11 -12.03 -1.63
C PHE A 124 0.70 -12.75 -2.91
N SER A 125 0.75 -14.09 -2.90
CA SER A 125 0.68 -14.83 -4.15
C SER A 125 -0.67 -14.65 -4.84
N MSE A 126 -1.72 -14.39 -4.09
CA MSE A 126 -3.03 -14.24 -4.70
C MSE A 126 -3.15 -12.97 -5.54
O MSE A 126 -4.11 -12.83 -6.28
CB MSE A 126 -4.16 -14.28 -3.63
CG MSE A 126 -4.21 -13.16 -2.60
SE MSE A 126 -2.71 -13.08 -1.28
CE MSE A 126 -2.85 -14.91 -0.56
N TYR A 127 -2.18 -12.06 -5.47
CA TYR A 127 -2.27 -10.84 -6.28
C TYR A 127 -1.37 -10.84 -7.51
N ASP A 128 -0.63 -11.92 -7.76
CA ASP A 128 0.46 -11.83 -8.73
C ASP A 128 -0.02 -12.04 -10.16
N LYS A 129 0.89 -11.77 -11.09
CA LYS A 129 0.70 -11.99 -12.51
C LYS A 129 2.09 -12.01 -13.15
N LYS A 130 2.25 -12.86 -14.17
CA LYS A 130 3.55 -12.97 -14.88
C LYS A 130 3.82 -11.65 -15.61
N LEU A 131 5.07 -11.17 -15.57
CA LEU A 131 5.46 -9.92 -16.28
C LEU A 131 5.28 -10.14 -17.78
N SER A 132 5.65 -11.34 -18.27
CA SER A 132 5.54 -11.69 -19.70
C SER A 132 4.09 -11.54 -20.20
N ASP A 133 3.09 -11.90 -19.38
CA ASP A 133 1.72 -11.78 -19.87
C ASP A 133 1.30 -10.31 -19.98
N ILE A 134 1.77 -9.45 -19.07
CA ILE A 134 1.45 -8.02 -19.21
C ILE A 134 2.06 -7.47 -20.49
N TYR A 135 3.33 -7.83 -20.78
CA TYR A 135 3.95 -7.32 -22.00
C TYR A 135 3.32 -7.94 -23.24
N LEU A 136 3.03 -9.24 -23.20
CA LEU A 136 2.45 -9.91 -24.36
C LEU A 136 1.09 -9.33 -24.71
N GLU A 137 0.25 -9.07 -23.71
CA GLU A 137 -1.08 -8.53 -23.97
C GLU A 137 -0.99 -7.15 -24.60
N ASN A 138 -0.02 -6.35 -24.17
CA ASN A 138 0.16 -5.04 -24.79
C ASN A 138 0.82 -5.16 -26.17
N ILE A 139 1.80 -6.05 -26.32
CA ILE A 139 2.38 -6.29 -27.64
C ILE A 139 1.29 -6.66 -28.65
N HIS A 140 0.42 -7.62 -28.28
CA HIS A 140 -0.63 -8.05 -29.20
C HIS A 140 -1.59 -6.89 -29.51
N LYS A 141 -1.91 -6.08 -28.51
CA LYS A 141 -2.77 -4.92 -28.72
C LYS A 141 -2.19 -3.99 -29.78
N GLN A 142 -0.89 -3.69 -29.68
CA GLN A 142 -0.27 -2.77 -30.64
C GLN A 142 -0.14 -3.39 -32.02
N GLU A 143 0.13 -4.70 -32.09
CA GLU A 143 0.28 -5.40 -33.37
C GLU A 143 -1.03 -5.51 -34.13
N SER A 144 -2.17 -5.33 -33.45
CA SER A 144 -3.47 -5.45 -34.07
C SER A 144 -3.95 -4.16 -34.73
N TYR A 145 -3.22 -3.06 -34.58
CA TYR A 145 -3.53 -1.89 -35.39
C TYR A 145 -2.99 -2.09 -36.80
N PRO A 146 -3.64 -1.52 -37.80
CA PRO A 146 -3.10 -1.59 -39.17
C PRO A 146 -1.74 -0.90 -39.27
N ALA A 147 -0.90 -1.43 -40.17
CA ALA A 147 0.50 -1.02 -40.25
C ALA A 147 0.71 0.48 -40.33
N SER A 148 -0.27 1.23 -40.85
CA SER A 148 -0.15 2.68 -40.99
C SER A 148 -0.26 3.42 -39.67
N GLU A 149 -0.73 2.76 -38.61
CA GLU A 149 -0.84 3.39 -37.30
C GLU A 149 -0.05 2.64 -36.23
N ARG A 150 0.74 1.64 -36.63
CA ARG A 150 1.12 0.56 -35.72
C ARG A 150 1.83 1.06 -34.46
N ASP A 151 2.83 1.93 -34.61
CA ASP A 151 3.75 2.39 -33.55
C ASP A 151 4.83 1.36 -33.30
N ASN A 152 5.78 1.32 -34.22
CA ASN A 152 6.84 0.34 -34.15
C ASN A 152 7.88 0.69 -33.13
N TYR A 153 8.03 1.97 -32.77
CA TYR A 153 8.98 2.31 -31.71
C TYR A 153 8.50 1.76 -30.38
N LEU A 154 7.23 1.96 -30.04
CA LEU A 154 6.68 1.38 -28.81
C LEU A 154 6.80 -0.15 -28.83
N LEU A 155 6.47 -0.78 -29.96
CA LEU A 155 6.57 -2.23 -30.05
C LEU A 155 8.02 -2.69 -29.81
N GLY A 156 9.00 -1.94 -30.32
CA GLY A 156 10.38 -2.30 -30.05
C GLY A 156 10.74 -2.17 -28.58
N LEU A 157 10.20 -1.15 -27.91
CA LEU A 157 10.43 -1.01 -26.47
C LEU A 157 9.78 -2.14 -25.69
N LEU A 158 8.56 -2.54 -26.09
CA LEU A 158 7.84 -3.61 -25.42
C LEU A 158 8.54 -4.97 -25.60
N ARG A 159 9.00 -5.27 -26.82
CA ARG A 159 9.63 -6.57 -27.06
C ARG A 159 10.97 -6.67 -26.35
N GLU A 160 11.68 -5.56 -26.25
CA GLU A 160 12.95 -5.56 -25.52
C GLU A 160 12.73 -5.79 -24.03
N GLU A 161 11.65 -5.23 -23.48
CA GLU A 161 11.36 -5.49 -22.07
C GLU A 161 10.96 -6.94 -21.84
N LEU A 162 10.22 -7.54 -22.78
CA LEU A 162 9.84 -8.93 -22.64
C LEU A 162 11.06 -9.83 -22.65
N LYS A 163 12.02 -9.54 -23.53
CA LYS A 163 13.22 -10.36 -23.66
C LYS A 163 14.11 -10.25 -22.44
N ASN A 164 14.12 -9.10 -21.77
CA ASN A 164 15.00 -8.88 -20.63
C ASN A 164 14.40 -9.25 -19.28
N ILE A 165 13.24 -9.91 -19.24
CA ILE A 165 12.75 -10.43 -17.96
C ILE A 165 13.74 -11.45 -17.41
N PRO A 166 14.22 -11.31 -16.17
CA PRO A 166 15.20 -12.29 -15.65
C PRO A 166 14.60 -13.68 -15.53
N GLU A 167 15.44 -14.68 -15.81
CA GLU A 167 15.02 -16.08 -15.67
C GLU A 167 14.55 -16.37 -14.25
N GLY A 168 13.40 -17.05 -14.16
CA GLY A 168 12.81 -17.39 -12.87
C GLY A 168 12.22 -16.23 -12.08
N LYS A 169 12.22 -15.00 -12.61
CA LYS A 169 11.62 -13.87 -11.91
C LYS A 169 10.50 -13.23 -12.73
N ASP A 170 9.79 -14.05 -13.50
CA ASP A 170 8.70 -13.56 -14.34
C ASP A 170 7.46 -13.39 -13.45
N SER A 171 7.46 -12.30 -12.70
CA SER A 171 6.47 -12.07 -11.65
C SER A 171 6.38 -10.59 -11.39
N LEU A 172 5.17 -10.04 -11.48
CA LEU A 172 4.95 -8.64 -11.17
C LEU A 172 5.45 -8.32 -9.76
N ILE A 173 5.07 -9.15 -8.78
CA ILE A 173 5.40 -8.88 -7.38
C ILE A 173 6.90 -9.05 -7.12
N GLU A 174 7.50 -10.13 -7.64
CA GLU A 174 8.94 -10.33 -7.47
C GLU A 174 9.72 -9.17 -8.07
N SER A 175 9.28 -8.67 -9.22
CA SER A 175 10.00 -7.55 -9.82
C SER A 175 9.98 -6.31 -8.94
N TYR A 176 8.92 -6.09 -8.18
CA TYR A 176 8.93 -4.95 -7.27
C TYR A 176 9.65 -5.29 -5.96
N ALA A 177 9.69 -6.57 -5.59
CA ALA A 177 10.37 -6.98 -4.36
C ALA A 177 11.87 -6.69 -4.41
N GLU A 178 12.48 -6.70 -5.59
CA GLU A 178 13.92 -6.51 -5.71
C GLU A 178 14.31 -5.08 -6.02
N LYS A 179 13.37 -4.25 -6.47
CA LYS A 179 13.62 -2.82 -6.54
C LYS A 179 13.95 -2.27 -5.16
N ARG A 180 14.58 -1.08 -5.15
CA ARG A 180 15.10 -0.54 -3.90
C ARG A 180 14.83 0.96 -3.74
N GLU A 181 14.03 1.55 -4.62
CA GLU A 181 13.67 2.96 -4.55
C GLU A 181 12.22 3.05 -4.07
N HIS A 182 11.54 4.17 -4.34
CA HIS A 182 10.26 4.39 -3.71
C HIS A 182 9.11 3.58 -4.32
N THR A 183 9.21 3.09 -5.56
CA THR A 183 8.13 2.24 -6.06
C THR A 183 8.13 0.87 -5.40
N TRP A 184 9.25 0.46 -4.84
CA TRP A 184 9.31 -0.69 -3.94
C TRP A 184 8.35 -0.49 -2.76
N PHE A 185 8.48 0.64 -2.06
CA PHE A 185 7.58 0.98 -0.96
C PHE A 185 6.12 1.08 -1.44
N ASP A 186 5.89 1.84 -2.52
CA ASP A 186 4.54 2.11 -2.99
C ASP A 186 3.81 0.85 -3.39
N PHE A 187 4.48 -0.07 -4.09
CA PHE A 187 3.80 -1.27 -4.58
C PHE A 187 3.30 -2.12 -3.44
N PHE A 188 4.13 -2.30 -2.39
CA PHE A 188 3.76 -3.14 -1.27
C PHE A 188 2.86 -2.45 -0.27
N ARG A 189 2.87 -1.11 -0.24
CA ARG A 189 1.82 -0.43 0.50
C ARG A 189 0.44 -0.84 -0.04
N ASN A 190 0.26 -0.81 -1.36
CA ASN A 190 -1.04 -1.18 -1.93
C ASN A 190 -1.40 -2.62 -1.57
N LEU A 191 -0.47 -3.54 -1.77
CA LEU A 191 -0.73 -4.95 -1.45
C LEU A 191 -0.99 -5.17 0.04
N ALA A 192 -0.34 -4.41 0.92
CA ALA A 192 -0.57 -4.62 2.35
C ALA A 192 -1.98 -4.19 2.72
N ILE A 193 -2.48 -3.12 2.11
CA ILE A 193 -3.81 -2.65 2.46
C ILE A 193 -4.89 -3.55 1.87
N LEU A 194 -4.63 -4.14 0.71
CA LEU A 194 -5.44 -5.24 0.21
C LEU A 194 -5.56 -6.34 1.25
N LYS A 195 -4.42 -6.76 1.82
CA LYS A 195 -4.46 -7.84 2.80
C LYS A 195 -5.15 -7.40 4.08
N ALA A 196 -4.96 -6.13 4.48
CA ALA A 196 -5.51 -5.53 5.69
C ALA A 196 -5.47 -6.49 6.88
N GLY A 197 -6.62 -6.83 7.44
CA GLY A 197 -6.66 -7.71 8.61
C GLY A 197 -5.91 -9.02 8.40
N SER A 198 -6.02 -9.60 7.21
CA SER A 198 -5.34 -10.88 6.95
C SER A 198 -3.81 -10.74 6.99
N LEU A 199 -3.27 -9.54 6.85
CA LEU A 199 -1.82 -9.38 6.99
C LEU A 199 -1.37 -9.66 8.44
N PHE A 200 -2.21 -9.31 9.41
CA PHE A 200 -1.90 -9.53 10.81
C PHE A 200 -2.22 -10.95 11.25
N THR A 201 -3.40 -11.46 10.88
CA THR A 201 -3.80 -12.78 11.33
C THR A 201 -2.89 -13.86 10.76
N GLU A 202 -2.33 -13.66 9.57
CA GLU A 202 -1.43 -14.66 9.02
C GLU A 202 -0.04 -14.60 9.65
N THR A 203 0.14 -13.88 10.74
CA THR A 203 1.31 -13.99 11.59
C THR A 203 0.92 -14.78 12.86
N GLY A 204 1.26 -14.33 14.06
CA GLY A 204 0.94 -15.05 15.28
C GLY A 204 1.34 -14.26 16.53
N ASN A 210 -9.68 -9.15 19.06
CA ASN A 210 -8.70 -9.62 18.09
C ASN A 210 -9.23 -9.48 16.66
N ILE A 211 -8.44 -9.92 15.68
CA ILE A 211 -8.55 -9.46 14.29
C ILE A 211 -8.96 -10.61 13.40
N SER A 212 -9.87 -10.37 12.55
CA SER A 212 -10.30 -11.28 11.50
C SER A 212 -9.55 -11.01 10.19
N PRO A 213 -9.27 -12.05 9.38
CA PRO A 213 -8.71 -11.89 8.04
C PRO A 213 -9.53 -10.97 7.15
N CAS A 214 -10.83 -10.81 7.45
CA CAS A 214 -11.71 -9.97 6.66
CB CAS A 214 -13.15 -10.47 6.65
C CAS A 214 -11.75 -8.53 7.15
O CAS A 214 -12.41 -7.74 6.55
SG CAS A 214 -13.29 -12.01 5.74
AS CAS A 214 -13.12 -13.62 7.36
CE1 CAS A 214 -12.29 -15.16 6.46
CE2 CAS A 214 -15.01 -14.22 7.45
N SER A 215 -11.11 -8.21 8.26
CA SER A 215 -11.23 -6.83 8.75
C SER A 215 -10.31 -5.87 7.98
N GLY A 216 -10.64 -4.59 8.08
CA GLY A 216 -9.90 -3.52 7.42
C GLY A 216 -8.63 -3.17 8.17
N CYS A 217 -8.06 -2.02 7.80
CA CYS A 217 -6.90 -1.51 8.51
C CYS A 217 -6.85 -0.02 8.32
N ILE A 218 -6.06 0.62 9.17
CA ILE A 218 -5.85 2.05 9.10
C ILE A 218 -4.37 2.22 8.78
N TYR A 219 -4.05 2.58 7.53
CA TYR A 219 -2.67 2.77 7.11
C TYR A 219 -2.27 4.21 7.36
N LEU A 220 -1.17 4.41 8.08
CA LEU A 220 -0.68 5.75 8.34
C LEU A 220 0.76 5.87 7.89
N ASP A 221 1.07 7.01 7.29
CA ASP A 221 2.46 7.40 7.06
C ASP A 221 3.15 7.59 8.41
N ALA A 222 4.46 7.30 8.44
CA ALA A 222 5.17 7.34 9.71
C ALA A 222 5.44 8.76 10.22
N ASP A 223 5.24 9.80 9.40
CA ASP A 223 5.42 11.16 9.86
C ASP A 223 4.24 11.66 10.69
N MSE A 224 3.20 10.85 10.87
CA MSE A 224 1.97 11.29 11.52
C MSE A 224 1.99 11.00 12.99
O MSE A 224 2.50 9.98 13.43
CB MSE A 224 0.77 10.60 10.91
CG MSE A 224 0.72 10.78 9.43
SE MSE A 224 -0.64 12.05 9.00
CE MSE A 224 -2.00 10.77 8.39
N ILE A 225 1.37 11.89 13.74
CA ILE A 225 1.33 11.81 15.20
C ILE A 225 -0.12 11.69 15.62
N ILE A 226 -0.42 10.65 16.39
CA ILE A 226 -1.73 10.49 16.99
C ILE A 226 -1.71 11.21 18.35
N THR A 227 -2.73 12.03 18.58
CA THR A 227 -2.92 12.78 19.82
C THR A 227 -4.27 12.34 20.35
N ASP A 228 -4.25 11.30 21.19
CA ASP A 228 -5.43 10.68 21.79
C ASP A 228 -6.22 9.84 20.78
N LYS A 229 -6.89 8.80 21.29
CA LYS A 229 -7.48 7.71 20.52
C LYS A 229 -8.34 8.17 19.34
N LEU A 230 -8.53 7.27 18.37
CA LEU A 230 -9.26 7.57 17.14
C LEU A 230 -10.74 7.30 17.24
N GLY A 231 -11.15 6.30 18.02
CA GLY A 231 -12.55 5.92 18.03
C GLY A 231 -12.92 5.26 16.72
N VAL A 232 -14.21 5.34 16.40
CA VAL A 232 -14.73 4.74 15.17
C VAL A 232 -14.54 5.74 14.03
N LEU A 233 -14.14 5.23 12.87
CA LEU A 233 -14.03 6.03 11.66
C LEU A 233 -15.19 5.72 10.73
N TYR A 234 -15.44 6.63 9.80
CA TYR A 234 -16.48 6.44 8.81
C TYR A 234 -15.94 6.79 7.43
N ALA A 235 -16.26 5.95 6.44
CA ALA A 235 -15.66 6.06 5.12
C ALA A 235 -16.72 5.73 4.09
N PRO A 236 -16.80 6.50 3.00
CA PRO A 236 -17.77 6.18 1.94
C PRO A 236 -17.39 4.89 1.24
N ASP A 237 -18.35 3.96 1.15
CA ASP A 237 -18.13 2.66 0.54
C ASP A 237 -17.00 1.89 1.21
N GLY A 238 -16.63 2.24 2.43
CA GLY A 238 -15.61 1.51 3.13
C GLY A 238 -14.18 1.92 2.86
N ILE A 239 -13.95 3.03 2.15
CA ILE A 239 -12.57 3.51 1.93
C ILE A 239 -12.54 5.03 2.05
N ALA A 240 -11.51 5.54 2.71
CA ALA A 240 -11.22 6.96 2.69
C ALA A 240 -9.71 7.10 2.64
N VAL A 241 -9.24 8.20 2.04
CA VAL A 241 -7.81 8.42 1.85
C VAL A 241 -7.47 9.88 2.13
N HIS A 242 -6.22 10.09 2.51
CA HIS A 242 -5.63 11.43 2.67
C HIS A 242 -4.34 11.39 1.88
N VAL A 243 -4.45 11.49 0.56
CA VAL A 243 -3.35 11.25 -0.38
C VAL A 243 -3.71 11.93 -1.71
N ASP A 244 -2.78 11.92 -2.68
CA ASP A 244 -2.93 12.78 -3.90
C ASP A 244 -2.89 12.13 -5.28
N CAS A 245 -3.62 12.73 -6.23
CA CAS A 245 -3.78 12.16 -7.56
CB CAS A 245 -4.55 10.83 -7.44
C CAS A 245 -4.51 13.11 -8.54
O CAS A 245 -3.97 14.07 -9.02
SG CAS A 245 -6.31 11.06 -7.01
AS CAS A 245 -6.70 10.37 -4.90
CE1 CAS A 245 -4.93 9.85 -4.28
CE2 CAS A 245 -7.57 11.83 -3.88
N ASN A 254 2.28 13.03 4.44
CA ASN A 254 1.30 12.84 5.51
C ASN A 254 0.06 12.08 5.02
N GLY A 255 0.30 10.88 4.51
CA GLY A 255 -0.77 10.09 3.94
C GLY A 255 -1.45 9.17 4.95
N ALA A 256 -2.72 8.91 4.68
CA ALA A 256 -3.50 7.93 5.42
C ALA A 256 -4.45 7.27 4.45
N ILE A 257 -4.60 5.95 4.57
CA ILE A 257 -5.60 5.19 3.84
C ILE A 257 -6.31 4.31 4.85
N VAL A 258 -7.64 4.30 4.82
CA VAL A 258 -8.43 3.45 5.69
C VAL A 258 -9.41 2.67 4.84
N VAL A 259 -9.52 1.36 5.12
CA VAL A 259 -10.43 0.47 4.43
C VAL A 259 -11.19 -0.29 5.50
N ASN A 260 -12.44 -0.62 5.22
CA ASN A 260 -13.25 -1.33 6.20
C ASN A 260 -13.16 -2.83 6.07
N ARG A 261 -12.28 -3.35 5.19
CA ARG A 261 -12.21 -4.78 4.89
C ARG A 261 -10.99 -5.06 4.01
N SER A 262 -10.54 -6.31 4.04
CA SER A 262 -9.49 -6.73 3.13
C SER A 262 -10.05 -6.85 1.71
N ASN A 263 -9.14 -6.75 0.74
CA ASN A 263 -9.49 -6.91 -0.69
C ASN A 263 -10.59 -5.92 -1.08
N HIS A 264 -10.46 -4.70 -0.60
CA HIS A 264 -11.42 -3.67 -0.93
C HIS A 264 -11.42 -3.43 -2.44
N PRO A 265 -12.61 -3.36 -3.08
CA PRO A 265 -12.65 -3.24 -4.54
C PRO A 265 -11.93 -2.01 -5.10
N ALA A 266 -11.82 -0.92 -4.33
CA ALA A 266 -11.17 0.27 -4.87
C ALA A 266 -9.65 0.07 -4.97
N LEU A 267 -9.08 -0.83 -4.16
CA LEU A 267 -7.68 -1.16 -4.33
C LEU A 267 -7.46 -2.27 -5.35
N LEU A 268 -8.42 -3.18 -5.50
CA LEU A 268 -8.36 -4.16 -6.59
C LEU A 268 -8.40 -3.47 -7.95
N ALA A 269 -9.10 -2.32 -8.07
CA ALA A 269 -9.10 -1.58 -9.33
C ALA A 269 -7.69 -1.14 -9.69
N GLY A 270 -6.90 -0.75 -8.69
CA GLY A 270 -5.55 -0.31 -8.98
C GLY A 270 -4.65 -1.48 -9.34
N LEU A 271 -4.79 -2.60 -8.61
CA LEU A 271 -4.12 -3.85 -8.98
C LEU A 271 -4.38 -4.20 -10.44
N ASP A 272 -5.65 -4.08 -10.86
CA ASP A 272 -6.01 -4.38 -12.23
C ASP A 272 -5.25 -3.49 -13.22
N ILE A 273 -5.01 -2.22 -12.87
CA ILE A 273 -4.17 -1.39 -13.73
C ILE A 273 -2.72 -1.86 -13.68
N MSE A 274 -2.21 -2.20 -12.50
CA MSE A 274 -0.83 -2.74 -12.43
C MSE A 274 -0.66 -3.98 -13.31
O MSE A 274 0.44 -4.29 -13.76
CB MSE A 274 -0.42 -3.11 -11.00
CG MSE A 274 -0.47 -2.00 -9.96
SE MSE A 274 0.59 -0.46 -10.54
CE MSE A 274 2.39 -1.25 -10.47
N LYS A 275 -1.77 -4.71 -13.54
CA LYS A 275 -1.77 -5.94 -14.34
C LYS A 275 -1.97 -5.71 -15.84
N SER A 276 -2.32 -4.50 -16.27
CA SER A 276 -2.57 -4.27 -17.69
C SER A 276 -1.71 -3.21 -18.31
N LYS A 277 -1.25 -2.24 -17.53
CA LYS A 277 -0.51 -1.10 -18.04
C LYS A 277 0.97 -1.33 -17.74
N VAL A 278 1.78 -1.35 -18.81
CA VAL A 278 3.25 -1.59 -18.68
C VAL A 278 3.91 -0.51 -17.81
N ASP A 279 3.68 0.78 -18.11
CA ASP A 279 4.28 1.89 -17.33
C ASP A 279 3.92 1.72 -15.85
N ALA A 280 2.61 1.61 -15.58
CA ALA A 280 1.96 1.41 -14.26
C ALA A 280 2.80 1.77 -13.03
N HIS A 281 2.75 3.03 -12.59
CA HIS A 281 3.37 3.46 -11.33
C HIS A 281 2.47 3.05 -10.16
N PRO A 282 3.01 2.36 -9.15
CA PRO A 282 2.18 1.89 -8.02
C PRO A 282 1.40 2.97 -7.33
N TYR A 283 2.00 4.16 -7.15
CA TYR A 283 1.27 5.21 -6.48
C TYR A 283 0.27 5.89 -7.41
N TYR A 284 0.73 6.42 -8.54
CA TYR A 284 -0.14 7.20 -9.41
C TYR A 284 -1.20 6.32 -10.07
N ASP A 285 -0.81 5.11 -10.52
CA ASP A 285 -1.77 4.21 -11.13
C ASP A 285 -2.36 3.21 -10.13
N GLY A 286 -1.51 2.51 -9.37
CA GLY A 286 -2.01 1.45 -8.49
C GLY A 286 -2.90 1.94 -7.36
N LEU A 287 -2.69 3.18 -6.91
CA LEU A 287 -3.54 3.77 -5.88
C LEU A 287 -4.51 4.79 -6.46
N GLY A 288 -4.01 5.91 -6.97
CA GLY A 288 -4.84 7.00 -7.44
C GLY A 288 -5.81 6.66 -8.55
N LYS A 289 -5.29 6.20 -9.70
CA LYS A 289 -6.17 5.90 -10.82
C LYS A 289 -7.13 4.77 -10.47
N GLY A 290 -6.68 3.80 -9.67
CA GLY A 290 -7.57 2.73 -9.25
C GLY A 290 -8.76 3.23 -8.46
N ILE A 291 -8.50 4.01 -7.42
CA ILE A 291 -9.62 4.54 -6.61
C ILE A 291 -10.52 5.45 -7.45
N LYS A 292 -9.92 6.29 -8.30
CA LYS A 292 -10.69 7.10 -9.24
C LYS A 292 -11.58 6.25 -10.14
N ARG A 293 -11.02 5.18 -10.74
CA ARG A 293 -11.83 4.35 -11.62
C ARG A 293 -12.96 3.66 -10.87
N HIS A 294 -12.70 3.23 -9.63
CA HIS A 294 -13.73 2.57 -8.85
C HIS A 294 -14.92 3.50 -8.60
N PHE A 295 -14.67 4.79 -8.45
CA PHE A 295 -15.74 5.73 -8.17
C PHE A 295 -16.23 6.42 -9.43
N ASN A 296 -15.82 5.94 -10.61
CA ASN A 296 -16.23 6.49 -11.91
C ASN A 296 -15.82 7.94 -12.08
N TYR A 297 -14.70 8.33 -11.49
CA TYR A 297 -14.17 9.65 -11.72
C TYR A 297 -13.73 9.80 -13.17
N SER A 298 -13.93 10.97 -13.74
CA SER A 298 -13.51 11.26 -15.11
C SER A 298 -13.14 12.73 -15.21
N SER A 299 -12.77 13.15 -16.41
CA SER A 299 -12.37 14.54 -16.65
C SER A 299 -13.54 15.50 -16.50
N LEU A 300 -14.77 15.00 -16.59
CA LEU A 300 -15.97 15.79 -16.35
C LEU A 300 -16.17 16.15 -14.89
N HIS A 301 -15.42 15.56 -13.97
CA HIS A 301 -15.65 15.82 -12.57
C HIS A 301 -14.62 16.79 -12.03
N ASN A 302 -14.86 17.24 -10.81
CA ASN A 302 -14.01 18.21 -10.15
C ASN A 302 -13.16 17.44 -9.14
N TYR A 303 -11.85 17.56 -9.28
CA TYR A 303 -10.95 16.86 -8.36
C TYR A 303 -11.16 17.31 -6.92
N ASN A 304 -11.45 18.61 -6.71
CA ASN A 304 -11.70 19.13 -5.37
C ASN A 304 -12.97 18.52 -4.77
N ALA A 305 -13.96 18.25 -5.61
CA ALA A 305 -15.15 17.54 -5.14
C ALA A 305 -14.83 16.09 -4.80
N PHE A 306 -14.09 15.42 -5.67
CA PHE A 306 -13.71 14.02 -5.38
C PHE A 306 -12.93 13.94 -4.07
N CAS A 307 -11.95 14.82 -3.92
CA CAS A 307 -11.12 14.91 -2.73
CB CAS A 307 -10.16 16.10 -2.93
C CAS A 307 -11.97 15.07 -1.47
O CAS A 307 -11.79 14.38 -0.51
SG CAS A 307 -8.99 16.37 -1.59
AS CAS A 307 -7.53 14.62 -1.69
CE1 CAS A 307 -5.92 15.20 -0.71
CE2 CAS A 307 -8.29 13.19 -0.59
N ASP A 308 -12.91 16.00 -1.54
CA ASP A 308 -13.83 16.27 -0.43
C ASP A 308 -14.61 15.00 -0.08
N PHE A 309 -15.01 14.27 -1.13
CA PHE A 309 -15.85 13.08 -0.96
C PHE A 309 -15.07 11.92 -0.33
N ILE A 310 -13.83 11.67 -0.77
CA ILE A 310 -13.04 10.52 -0.31
C ILE A 310 -12.15 10.85 0.88
N GLU A 311 -12.09 12.12 1.31
CA GLU A 311 -11.05 12.55 2.25
C GLU A 311 -11.12 11.79 3.56
N GLU A 312 -9.94 11.52 4.13
CA GLU A 312 -9.81 10.99 5.48
C GLU A 312 -9.27 12.09 6.39
N GLY A 313 -10.06 12.46 7.41
CA GLY A 313 -9.62 13.41 8.41
C GLY A 313 -10.00 12.95 9.80
N ASN A 314 -9.16 13.22 10.81
CA ASN A 314 -9.48 12.98 12.23
C ASN A 314 -8.75 14.02 13.05
N PRO A 315 -9.38 14.55 14.11
CA PRO A 315 -8.68 15.50 15.00
C PRO A 315 -7.63 14.86 15.89
N GLY A 316 -7.61 13.52 16.02
CA GLY A 316 -6.55 12.85 16.76
C GLY A 316 -5.23 12.71 16.04
N ILE A 317 -5.15 13.05 14.74
CA ILE A 317 -3.96 12.78 13.92
C ILE A 317 -3.42 14.12 13.40
N ILE A 318 -2.25 14.52 13.90
CA ILE A 318 -1.65 15.79 13.53
C ILE A 318 -1.09 15.81 12.11
C1 EDO B . -1.53 -9.44 15.92
O1 EDO B . -0.58 -10.45 15.60
C2 EDO B . -2.87 -9.81 15.30
O2 EDO B . -3.35 -11.06 15.80
#